data_3H1Z
#
_entry.id   3H1Z
#
_cell.length_a   37.561
_cell.length_b   83.469
_cell.length_c   91.603
_cell.angle_alpha   90.00
_cell.angle_beta   90.00
_cell.angle_gamma   90.00
#
_symmetry.space_group_name_H-M   'P 21 21 21'
#
loop_
_entity.id
_entity.type
_entity.pdbx_description
1 polymer 'AP-2 complex subunit beta-1'
2 polymer 'Phosphatidylinositol-4-phosphate 5-kinase type-1 gamma'
3 water water
#
loop_
_entity_poly.entity_id
_entity_poly.type
_entity_poly.pdbx_seq_one_letter_code
_entity_poly.pdbx_strand_id
1 'polypeptide(L)'
;MGSSHHHHHHSSGLVPRGSHMASGMAPGGYVAPKAVWLPAVKAKGLEISGTFTHRQGHIYMEMNFTNKALQHMTDFAIQF
NKNSFGVIPSTPLAIHTPLMPNQSIDVSLPLNTLGPVMKMEPLNNLQVAVKNNIDVFYFSCLIPLNVLFVEDGKMERQVF
LATWKDIPNENELQFQIKECHLNADTVSSKLQNNNVYTIAKRNVEGQDMLYQSLKLTNGIWILAELRIQPGNPNYTLSLK
CRAPEVSQYIYQVYDSILKN
;
A
2 'polypeptide(L)' YFPTDERSWVYSPLH P
#
# COMPACT_ATOMS: atom_id res chain seq x y z
N GLY A 28 -9.34 -5.81 -10.82
CA GLY A 28 -8.45 -5.59 -9.63
C GLY A 28 -7.73 -4.24 -9.66
N GLY A 29 -7.21 -3.87 -8.50
CA GLY A 29 -6.50 -2.61 -8.36
C GLY A 29 -5.12 -2.67 -8.99
N TYR A 30 -4.41 -1.54 -8.89
CA TYR A 30 -3.05 -1.43 -9.36
C TYR A 30 -2.10 -2.23 -8.46
N VAL A 31 -1.18 -2.99 -9.07
CA VAL A 31 -0.17 -3.74 -8.32
C VAL A 31 1.20 -3.29 -8.84
N ALA A 32 2.09 -2.83 -7.97
CA ALA A 32 3.41 -2.38 -8.43
C ALA A 32 4.22 -3.60 -8.94
N PRO A 33 5.14 -3.36 -9.89
CA PRO A 33 6.03 -4.44 -10.33
C PRO A 33 6.75 -5.02 -9.12
N LYS A 34 6.93 -6.35 -9.10
CA LYS A 34 7.76 -7.02 -8.10
C LYS A 34 9.14 -6.39 -8.04
N ALA A 35 9.71 -6.31 -6.83
CA ALA A 35 11.03 -5.70 -6.62
C ALA A 35 11.83 -6.66 -5.76
N VAL A 36 13.16 -6.68 -5.91
CA VAL A 36 13.98 -7.46 -4.95
C VAL A 36 14.13 -6.65 -3.67
N TRP A 37 13.41 -7.08 -2.63
CA TRP A 37 13.45 -6.40 -1.34
C TRP A 37 14.69 -6.71 -0.53
N LEU A 38 15.16 -7.97 -0.64
CA LEU A 38 16.34 -8.41 0.11
C LEU A 38 17.19 -9.22 -0.91
N PRO A 39 18.24 -8.60 -1.45
CA PRO A 39 19.02 -9.32 -2.46
C PRO A 39 19.93 -10.37 -1.81
N ALA A 40 20.22 -11.46 -2.53
CA ALA A 40 21.13 -12.49 -2.04
C ALA A 40 22.42 -11.99 -1.39
N VAL A 41 23.10 -11.03 -2.02
CA VAL A 41 24.36 -10.50 -1.53
C VAL A 41 24.27 -9.91 -0.09
N LYS A 42 23.10 -9.41 0.26
CA LYS A 42 22.90 -8.87 1.61
C LYS A 42 22.49 -9.91 2.68
N ALA A 43 22.10 -11.12 2.27
CA ALA A 43 21.55 -12.07 3.23
C ALA A 43 22.13 -13.47 3.04
N LYS A 44 23.42 -13.54 2.80
CA LYS A 44 24.14 -14.84 2.74
C LYS A 44 23.44 -15.85 1.81
N GLY A 45 22.96 -15.36 0.66
CA GLY A 45 22.34 -16.18 -0.36
C GLY A 45 20.83 -16.15 -0.36
N LEU A 46 20.22 -15.63 0.72
CA LEU A 46 18.73 -15.54 0.74
C LEU A 46 18.27 -14.34 -0.08
N GLU A 47 17.36 -14.57 -1.02
CA GLU A 47 16.81 -13.48 -1.79
C GLU A 47 15.30 -13.47 -1.78
N ILE A 48 14.73 -12.31 -1.47
CA ILE A 48 13.28 -12.18 -1.34
C ILE A 48 12.90 -11.07 -2.32
N SER A 49 11.95 -11.37 -3.18
CA SER A 49 11.38 -10.35 -4.03
C SER A 49 9.89 -10.30 -3.72
N GLY A 50 9.23 -9.18 -3.95
CA GLY A 50 7.82 -9.13 -3.56
C GLY A 50 7.04 -7.98 -4.14
N THR A 51 5.73 -8.07 -3.99
CA THR A 51 4.86 -6.91 -4.16
C THR A 51 3.64 -7.01 -3.20
N PHE A 52 2.88 -5.94 -3.09
CA PHE A 52 1.67 -5.94 -2.25
C PHE A 52 0.41 -5.92 -3.13
N THR A 53 -0.56 -6.72 -2.73
CA THR A 53 -1.87 -6.76 -3.41
C THR A 53 -3.01 -6.55 -2.38
N HIS A 54 -4.20 -6.28 -2.88
CA HIS A 54 -5.41 -6.10 -2.08
C HIS A 54 -6.41 -6.91 -2.92
N ARG A 55 -6.83 -8.05 -2.38
CA ARG A 55 -7.78 -8.92 -3.06
C ARG A 55 -9.09 -9.02 -2.29
N GLN A 56 -10.07 -8.21 -2.67
CA GLN A 56 -11.47 -8.51 -2.39
C GLN A 56 -11.70 -8.69 -0.89
N GLY A 57 -11.22 -7.74 -0.11
CA GLY A 57 -11.21 -7.88 1.34
C GLY A 57 -9.83 -7.64 1.94
N HIS A 58 -8.80 -8.13 1.26
CA HIS A 58 -7.68 -8.77 1.93
C HIS A 58 -6.35 -8.25 1.40
N ILE A 59 -5.43 -7.96 2.31
CA ILE A 59 -4.10 -7.50 1.94
C ILE A 59 -3.10 -8.67 1.99
N TYR A 60 -2.30 -8.78 0.93
CA TYR A 60 -1.21 -9.78 0.85
C TYR A 60 0.14 -9.17 0.51
N MET A 61 1.20 -9.75 1.10
CA MET A 61 2.56 -9.46 0.68
C MET A 61 2.90 -10.69 -0.13
N GLU A 62 3.04 -10.51 -1.44
CA GLU A 62 3.21 -11.61 -2.38
C GLU A 62 4.69 -11.72 -2.63
N MET A 63 5.28 -12.85 -2.27
CA MET A 63 6.75 -12.91 -2.28
C MET A 63 7.28 -14.18 -2.93
N ASN A 64 8.50 -14.08 -3.41
CA ASN A 64 9.26 -15.27 -3.81
C ASN A 64 10.55 -15.29 -2.98
N PHE A 65 10.85 -16.45 -2.39
CA PHE A 65 12.06 -16.71 -1.63
C PHE A 65 12.94 -17.65 -2.40
N THR A 66 14.18 -17.24 -2.64
CA THR A 66 15.21 -18.12 -3.31
C THR A 66 16.44 -18.33 -2.42
N ASN A 67 16.92 -19.57 -2.35
CA ASN A 67 18.11 -19.90 -1.59
C ASN A 67 19.27 -20.04 -2.60
N LYS A 68 20.14 -19.06 -2.63
CA LYS A 68 21.26 -19.09 -3.58
C LYS A 68 22.52 -19.62 -2.89
N ALA A 69 22.40 -19.97 -1.61
CA ALA A 69 23.51 -20.52 -0.83
C ALA A 69 23.71 -22.02 -1.13
N LEU A 70 24.69 -22.62 -0.43
CA LEU A 70 25.09 -24.00 -0.70
C LEU A 70 24.56 -24.98 0.36
N GLN A 71 23.88 -24.44 1.36
CA GLN A 71 23.31 -25.20 2.45
C GLN A 71 21.86 -24.77 2.55
N HIS A 72 21.00 -25.65 3.08
CA HIS A 72 19.58 -25.34 3.18
C HIS A 72 19.35 -24.25 4.20
N MET A 73 18.13 -23.69 4.19
CA MET A 73 17.69 -22.71 5.19
C MET A 73 16.34 -23.17 5.70
N THR A 74 16.17 -23.09 7.00
CA THR A 74 14.94 -23.57 7.67
C THR A 74 14.64 -22.63 8.86
N ASP A 75 13.70 -23.04 9.73
CA ASP A 75 13.35 -22.28 10.95
C ASP A 75 13.03 -20.81 10.58
N PHE A 76 12.31 -20.62 9.48
CA PHE A 76 11.90 -19.24 9.08
C PHE A 76 10.93 -18.62 10.10
N ALA A 77 11.11 -17.32 10.29
CA ALA A 77 10.18 -16.50 11.10
C ALA A 77 10.23 -15.08 10.54
N ILE A 78 9.19 -14.31 10.82
CA ILE A 78 9.08 -12.95 10.32
C ILE A 78 8.40 -12.08 11.37
N GLN A 79 8.82 -10.80 11.39
CA GLN A 79 8.07 -9.78 12.10
C GLN A 79 8.34 -8.41 11.49
N PHE A 80 7.39 -7.52 11.67
CA PHE A 80 7.51 -6.19 11.09
C PHE A 80 7.77 -5.23 12.24
N ASN A 81 8.55 -4.19 12.01
CA ASN A 81 8.63 -3.12 13.02
C ASN A 81 7.23 -2.45 13.10
N LYS A 82 6.90 -1.92 14.26
CA LYS A 82 5.74 -1.06 14.43
C LYS A 82 5.77 -0.04 13.31
N ASN A 83 4.59 0.29 12.76
CA ASN A 83 4.54 1.11 11.57
C ASN A 83 3.21 1.93 11.52
N SER A 84 3.10 2.77 10.53
CA SER A 84 2.13 3.88 10.58
C SER A 84 0.67 3.42 10.62
N PHE A 85 0.40 2.31 9.94
CA PHE A 85 -0.96 1.77 9.77
C PHE A 85 -1.17 0.41 10.51
N GLY A 86 -0.22 0.08 11.40
CA GLY A 86 -0.32 -1.09 12.25
C GLY A 86 -0.34 -2.41 11.49
N VAL A 87 0.44 -2.45 10.41
CA VAL A 87 0.50 -3.62 9.53
C VAL A 87 1.27 -4.74 10.25
N ILE A 88 0.75 -5.96 10.15
CA ILE A 88 1.31 -7.13 10.83
C ILE A 88 0.91 -8.40 10.02
N PRO A 89 1.78 -9.44 10.01
CA PRO A 89 1.41 -10.71 9.37
C PRO A 89 0.19 -11.32 10.07
N SER A 90 -0.75 -11.87 9.29
CA SER A 90 -1.89 -12.53 9.88
CA SER A 90 -1.92 -12.58 9.80
C SER A 90 -1.66 -14.08 10.05
N THR A 91 -0.64 -14.62 9.38
CA THR A 91 -0.24 -16.04 9.45
C THR A 91 1.29 -16.06 9.35
N PRO A 92 1.88 -17.23 9.60
CA PRO A 92 3.30 -17.41 9.32
C PRO A 92 3.62 -17.43 7.80
N LEU A 93 4.90 -17.38 7.45
CA LEU A 93 5.32 -17.70 6.09
C LEU A 93 5.07 -19.17 5.78
N ALA A 94 4.44 -19.45 4.65
CA ALA A 94 4.16 -20.82 4.25
C ALA A 94 5.42 -21.45 3.65
N ILE A 95 6.39 -21.64 4.50
CA ILE A 95 7.65 -22.36 4.22
C ILE A 95 7.80 -23.39 5.35
N HIS A 96 7.53 -24.66 5.03
CA HIS A 96 7.30 -25.69 6.07
C HIS A 96 8.33 -26.81 6.07
N THR A 97 9.24 -26.74 5.09
CA THR A 97 10.37 -27.67 4.96
C THR A 97 11.60 -26.83 4.59
N PRO A 98 12.83 -27.36 4.83
CA PRO A 98 14.03 -26.61 4.46
C PRO A 98 14.02 -26.16 3.02
N LEU A 99 14.38 -24.90 2.82
CA LEU A 99 14.50 -24.33 1.50
C LEU A 99 15.90 -24.71 1.00
N MET A 100 15.92 -25.54 -0.05
CA MET A 100 17.16 -26.24 -0.44
C MET A 100 18.02 -25.36 -1.36
N PRO A 101 19.34 -25.60 -1.41
CA PRO A 101 20.17 -24.78 -2.31
C PRO A 101 19.60 -24.74 -3.73
N ASN A 102 19.53 -23.53 -4.30
CA ASN A 102 18.96 -23.23 -5.64
C ASN A 102 17.45 -23.41 -5.81
N GLN A 103 16.75 -23.62 -4.69
CA GLN A 103 15.32 -23.73 -4.70
C GLN A 103 14.70 -22.36 -4.51
N SER A 104 13.58 -22.15 -5.20
CA SER A 104 12.70 -20.99 -5.09
C SER A 104 11.25 -21.44 -4.75
N ILE A 105 10.61 -20.69 -3.86
CA ILE A 105 9.24 -20.97 -3.45
CA ILE A 105 9.22 -20.95 -3.46
C ILE A 105 8.44 -19.65 -3.44
N ASP A 106 7.22 -19.70 -3.96
CA ASP A 106 6.37 -18.53 -3.92
C ASP A 106 5.57 -18.56 -2.62
N VAL A 107 5.47 -17.42 -1.95
CA VAL A 107 4.78 -17.35 -0.63
C VAL A 107 3.83 -16.16 -0.65
N SER A 108 2.57 -16.42 -0.33
CA SER A 108 1.55 -15.40 -0.23
C SER A 108 1.29 -15.16 1.27
N LEU A 109 1.68 -14.01 1.78
CA LEU A 109 1.58 -13.74 3.22
C LEU A 109 0.40 -12.78 3.46
N PRO A 110 -0.72 -13.26 4.08
CA PRO A 110 -1.84 -12.35 4.39
C PRO A 110 -1.38 -11.38 5.49
N LEU A 111 -1.80 -10.13 5.38
CA LEU A 111 -1.53 -9.14 6.41
C LEU A 111 -2.84 -8.59 6.96
N ASN A 112 -2.76 -7.94 8.14
CA ASN A 112 -3.92 -7.22 8.70
C ASN A 112 -3.41 -5.91 9.33
N THR A 113 -4.31 -5.03 9.76
CA THR A 113 -3.86 -3.71 10.24
C THR A 113 -4.21 -3.52 11.74
N LEU A 114 -4.28 -4.67 12.43
CA LEU A 114 -4.59 -4.71 13.85
C LEU A 114 -3.36 -4.75 14.78
N GLY A 115 -2.17 -4.46 14.24
CA GLY A 115 -0.96 -4.55 15.03
C GLY A 115 -0.49 -3.21 15.62
N PRO A 116 0.61 -3.23 16.37
CA PRO A 116 1.14 -2.00 16.97
C PRO A 116 1.51 -0.90 15.97
N VAL A 117 1.32 0.35 16.38
CA VAL A 117 1.46 1.54 15.54
C VAL A 117 2.57 2.45 16.01
N MET A 118 3.36 2.93 15.04
CA MET A 118 4.40 3.91 15.26
C MET A 118 4.63 4.69 13.96
N LYS A 119 4.83 5.99 14.04
CA LYS A 119 5.01 6.78 12.80
C LYS A 119 6.31 6.43 12.11
N MET A 120 6.23 6.11 10.82
CA MET A 120 7.41 5.86 10.00
C MET A 120 7.65 7.06 9.10
N GLU A 121 8.85 7.13 8.54
CA GLU A 121 9.20 8.13 7.54
C GLU A 121 10.01 7.43 6.44
N PRO A 122 9.53 7.43 5.17
CA PRO A 122 8.23 7.96 4.76
C PRO A 122 7.08 7.30 5.50
N LEU A 123 5.92 7.96 5.46
CA LEU A 123 4.76 7.42 6.15
C LEU A 123 4.48 5.95 5.85
N ASN A 124 4.64 5.53 4.59
CA ASN A 124 4.30 4.15 4.21
C ASN A 124 5.47 3.20 4.23
N ASN A 125 6.54 3.59 4.92
CA ASN A 125 7.69 2.71 5.02
C ASN A 125 7.41 1.55 5.98
N LEU A 126 7.89 0.37 5.59
CA LEU A 126 7.72 -0.85 6.40
C LEU A 126 9.06 -1.53 6.57
N GLN A 127 9.52 -1.61 7.83
CA GLN A 127 10.77 -2.33 8.16
C GLN A 127 10.41 -3.75 8.54
N VAL A 128 11.08 -4.70 7.89
CA VAL A 128 10.80 -6.13 8.06
C VAL A 128 12.06 -6.86 8.55
N ALA A 129 11.87 -7.80 9.47
CA ALA A 129 12.95 -8.71 9.92
C ALA A 129 12.53 -10.13 9.54
N VAL A 130 13.44 -10.82 8.83
CA VAL A 130 13.22 -12.25 8.50
C VAL A 130 14.39 -13.01 9.06
N LYS A 131 14.10 -14.08 9.80
CA LYS A 131 15.16 -14.96 10.22
C LYS A 131 15.03 -16.36 9.70
N ASN A 132 16.17 -17.02 9.56
CA ASN A 132 16.20 -18.45 9.36
C ASN A 132 17.18 -19.03 10.36
N ASN A 133 17.67 -20.24 10.09
CA ASN A 133 18.62 -20.87 10.98
C ASN A 133 20.00 -20.21 10.90
N ILE A 134 20.21 -19.38 9.89
CA ILE A 134 21.53 -18.79 9.68
C ILE A 134 21.69 -17.45 10.42
N ASP A 135 20.68 -16.57 10.32
CA ASP A 135 20.78 -15.24 10.88
C ASP A 135 19.41 -14.58 10.85
N VAL A 136 19.37 -13.36 11.37
CA VAL A 136 18.25 -12.43 11.25
C VAL A 136 18.66 -11.37 10.22
N PHE A 137 17.80 -11.16 9.23
CA PHE A 137 18.06 -10.19 8.19
C PHE A 137 16.96 -9.13 8.26
N TYR A 138 17.28 -7.95 7.73
CA TYR A 138 16.38 -6.76 7.81
C TYR A 138 16.28 -6.15 6.42
N PHE A 139 15.08 -5.78 5.99
CA PHE A 139 14.99 -4.91 4.80
C PHE A 139 13.83 -3.94 5.01
N SER A 140 13.71 -2.99 4.09
CA SER A 140 12.57 -2.10 4.12
CA SER A 140 12.59 -2.06 4.11
C SER A 140 11.90 -2.08 2.76
N CYS A 141 10.61 -1.79 2.76
CA CYS A 141 9.86 -1.63 1.51
C CYS A 141 8.70 -0.67 1.77
N LEU A 142 8.22 -0.01 0.71
CA LEU A 142 7.11 0.92 0.82
C LEU A 142 5.84 0.16 0.58
N ILE A 143 4.84 0.40 1.43
CA ILE A 143 3.53 -0.17 1.18
C ILE A 143 2.76 0.81 0.32
N PRO A 144 2.36 0.42 -0.91
CA PRO A 144 1.63 1.35 -1.78
C PRO A 144 0.37 1.77 -1.03
N LEU A 145 0.12 3.06 -0.90
CA LEU A 145 -0.97 3.51 -0.04
C LEU A 145 -2.32 2.97 -0.53
N ASN A 146 -2.44 2.72 -1.83
CA ASN A 146 -3.67 2.09 -2.34
C ASN A 146 -4.05 0.75 -1.76
N VAL A 147 -3.08 -0.07 -1.32
CA VAL A 147 -3.51 -1.37 -0.74
C VAL A 147 -4.21 -1.22 0.62
N LEU A 148 -4.08 0.00 1.19
CA LEU A 148 -4.76 0.40 2.44
C LEU A 148 -6.07 1.20 2.21
N PHE A 149 -6.55 1.29 0.96
CA PHE A 149 -7.88 1.89 0.68
C PHE A 149 -8.95 0.80 0.88
N VAL A 150 -9.87 1.02 1.81
CA VAL A 150 -10.89 0.01 2.14
C VAL A 150 -12.04 -0.06 1.10
N GLU A 151 -12.71 -1.20 1.01
CA GLU A 151 -13.82 -1.35 0.07
CA GLU A 151 -13.81 -1.33 0.06
C GLU A 151 -15.00 -0.41 0.40
N ASP A 152 -15.27 -0.20 1.69
CA ASP A 152 -16.39 0.63 2.14
C ASP A 152 -15.92 2.08 2.22
N GLY A 153 -15.49 2.64 1.09
CA GLY A 153 -14.94 3.99 1.09
C GLY A 153 -15.77 4.94 0.26
N LYS A 154 -17.00 4.55 -0.05
CA LYS A 154 -17.90 5.37 -0.87
C LYS A 154 -18.85 6.19 0.01
N MET A 155 -18.59 7.47 0.14
CA MET A 155 -19.37 8.33 1.02
C MET A 155 -20.66 8.70 0.33
N GLU A 156 -21.76 8.57 1.06
CA GLU A 156 -23.03 9.08 0.54
C GLU A 156 -22.92 10.58 0.22
N ARG A 157 -23.59 11.03 -0.85
CA ARG A 157 -23.47 12.42 -1.33
C ARG A 157 -23.63 13.49 -0.24
N GLN A 158 -24.65 13.35 0.58
CA GLN A 158 -24.94 14.38 1.58
C GLN A 158 -23.96 14.36 2.75
N VAL A 159 -23.48 13.17 3.11
CA VAL A 159 -22.41 13.06 4.12
C VAL A 159 -21.11 13.69 3.56
N PHE A 160 -20.86 13.47 2.27
CA PHE A 160 -19.69 14.07 1.60
C PHE A 160 -19.73 15.60 1.74
N LEU A 161 -20.87 16.18 1.40
CA LEU A 161 -21.08 17.63 1.52
C LEU A 161 -20.81 18.14 2.92
N ALA A 162 -21.39 17.50 3.94
CA ALA A 162 -21.17 17.91 5.33
C ALA A 162 -19.70 17.76 5.78
N THR A 163 -19.09 16.64 5.35
CA THR A 163 -17.68 16.36 5.66
C THR A 163 -16.72 17.38 4.99
N TRP A 164 -16.93 17.65 3.69
CA TRP A 164 -16.12 18.65 2.96
C TRP A 164 -16.16 20.00 3.69
N LYS A 165 -17.37 20.49 3.96
CA LYS A 165 -17.56 21.76 4.69
C LYS A 165 -16.93 21.77 6.09
N ASP A 166 -16.98 20.63 6.78
CA ASP A 166 -16.46 20.55 8.14
C ASP A 166 -14.93 20.54 8.24
N ILE A 167 -14.24 20.04 7.21
CA ILE A 167 -12.77 20.01 7.30
C ILE A 167 -12.26 21.44 7.14
N PRO A 168 -11.46 21.91 8.11
CA PRO A 168 -10.95 23.28 8.05
C PRO A 168 -10.25 23.56 6.69
N ASN A 169 -10.52 24.72 6.10
CA ASN A 169 -9.95 24.97 4.78
C ASN A 169 -8.43 25.10 4.73
N GLU A 170 -7.79 25.34 5.86
CA GLU A 170 -6.36 25.31 5.87
C GLU A 170 -5.84 23.91 5.62
N ASN A 171 -6.67 22.91 5.84
CA ASN A 171 -6.27 21.52 5.56
C ASN A 171 -6.29 21.18 4.08
N GLU A 172 -6.96 22.00 3.27
CA GLU A 172 -7.14 21.68 1.86
C GLU A 172 -5.85 21.92 1.09
N LEU A 173 -5.37 20.90 0.40
CA LEU A 173 -4.12 21.03 -0.34
C LEU A 173 -4.37 20.68 -1.80
N GLN A 174 -3.72 21.40 -2.69
CA GLN A 174 -3.95 21.29 -4.11
C GLN A 174 -2.71 20.71 -4.82
N PHE A 175 -2.93 19.79 -5.76
CA PHE A 175 -1.83 19.16 -6.52
C PHE A 175 -2.17 19.21 -7.98
N GLN A 176 -1.15 19.32 -8.83
CA GLN A 176 -1.31 19.16 -10.26
C GLN A 176 -0.89 17.75 -10.63
N ILE A 177 -1.80 16.98 -11.24
CA ILE A 177 -1.44 15.75 -11.93
C ILE A 177 -1.05 16.15 -13.36
N LYS A 178 0.26 16.24 -13.58
CA LYS A 178 0.83 16.87 -14.78
C LYS A 178 0.83 15.90 -15.94
N GLU A 179 0.68 16.44 -17.15
CA GLU A 179 0.80 15.66 -18.38
C GLU A 179 -0.11 14.41 -18.41
N CYS A 180 -1.39 14.59 -18.08
CA CYS A 180 -2.33 13.49 -18.06
C CYS A 180 -3.26 13.56 -19.27
N HIS A 181 -3.39 12.44 -19.97
CA HIS A 181 -4.08 12.40 -21.27
C HIS A 181 -5.26 11.46 -21.29
N LEU A 182 -5.88 11.28 -20.12
CA LEU A 182 -7.01 10.38 -19.96
C LEU A 182 -8.28 11.22 -19.89
N ASN A 183 -9.42 10.66 -20.26
CA ASN A 183 -10.63 11.43 -20.07
C ASN A 183 -11.24 11.17 -18.71
N ALA A 184 -12.27 11.94 -18.38
CA ALA A 184 -12.90 11.84 -17.07
C ALA A 184 -13.47 10.45 -16.77
N ASP A 185 -14.08 9.78 -17.76
CA ASP A 185 -14.65 8.45 -17.52
C ASP A 185 -13.58 7.43 -17.24
N THR A 186 -12.45 7.56 -17.95
CA THR A 186 -11.34 6.61 -17.74
C THR A 186 -10.72 6.88 -16.36
N VAL A 187 -10.56 8.17 -16.04
CA VAL A 187 -10.03 8.57 -14.73
C VAL A 187 -10.92 7.91 -13.65
N SER A 188 -12.24 8.06 -13.78
CA SER A 188 -13.17 7.55 -12.77
C SER A 188 -13.11 6.06 -12.65
N SER A 189 -13.03 5.36 -13.78
CA SER A 189 -13.07 3.93 -13.81
C SER A 189 -11.77 3.35 -13.22
N LYS A 190 -10.61 3.92 -13.56
CA LYS A 190 -9.33 3.44 -13.02
C LYS A 190 -9.29 3.63 -11.50
N LEU A 191 -9.75 4.79 -11.04
CA LEU A 191 -9.74 5.11 -9.61
C LEU A 191 -10.69 4.20 -8.87
N GLN A 192 -11.86 3.92 -9.45
CA GLN A 192 -12.83 3.07 -8.75
C GLN A 192 -12.32 1.64 -8.57
N ASN A 193 -11.53 1.18 -9.53
CA ASN A 193 -10.87 -0.14 -9.45
C ASN A 193 -9.92 -0.25 -8.25
N ASN A 194 -9.52 0.91 -7.73
CA ASN A 194 -8.63 1.03 -6.59
C ASN A 194 -9.32 1.58 -5.32
N ASN A 195 -10.63 1.45 -5.26
CA ASN A 195 -11.43 1.92 -4.12
C ASN A 195 -11.37 3.40 -3.87
N VAL A 196 -11.19 4.16 -4.94
CA VAL A 196 -11.34 5.62 -4.92
C VAL A 196 -12.62 5.90 -5.70
N TYR A 197 -13.68 6.28 -4.99
CA TYR A 197 -15.07 6.33 -5.56
C TYR A 197 -15.49 7.71 -6.03
N THR A 198 -16.05 7.78 -7.23
CA THR A 198 -16.61 9.04 -7.73
C THR A 198 -18.08 9.13 -7.29
N ILE A 199 -18.34 10.11 -6.43
CA ILE A 199 -19.57 10.32 -5.67
C ILE A 199 -20.50 11.27 -6.44
N ALA A 200 -19.91 12.17 -7.23
CA ALA A 200 -20.67 13.15 -7.98
C ALA A 200 -19.83 13.68 -9.14
N LYS A 201 -20.51 14.13 -10.19
CA LYS A 201 -19.89 14.67 -11.37
C LYS A 201 -20.66 15.90 -11.86
N ARG A 202 -19.93 16.93 -12.30
CA ARG A 202 -20.52 18.11 -12.94
C ARG A 202 -19.61 18.64 -14.06
N ASN A 203 -20.20 19.15 -15.14
CA ASN A 203 -19.44 19.88 -16.15
C ASN A 203 -19.68 21.37 -15.97
N VAL A 204 -18.60 22.10 -15.70
CA VAL A 204 -18.67 23.55 -15.48
C VAL A 204 -17.75 24.27 -16.45
N GLU A 205 -18.37 25.01 -17.38
CA GLU A 205 -17.63 25.79 -18.37
C GLU A 205 -16.66 24.91 -19.14
N GLY A 206 -17.20 23.78 -19.61
CA GLY A 206 -16.42 22.80 -20.37
C GLY A 206 -15.37 22.08 -19.54
N GLN A 207 -15.35 22.33 -18.23
CA GLN A 207 -14.44 21.63 -17.31
C GLN A 207 -15.17 20.58 -16.46
N ASP A 208 -14.69 19.33 -16.52
CA ASP A 208 -15.28 18.25 -15.73
C ASP A 208 -14.82 18.34 -14.25
N MET A 209 -15.78 18.25 -13.34
CA MET A 209 -15.50 18.25 -11.90
C MET A 209 -15.96 16.93 -11.32
N LEU A 210 -15.05 16.17 -10.73
CA LEU A 210 -15.36 14.87 -10.11
C LEU A 210 -15.13 15.00 -8.61
N TYR A 211 -16.09 14.51 -7.83
CA TYR A 211 -16.01 14.52 -6.38
C TYR A 211 -15.82 13.08 -5.97
N GLN A 212 -14.80 12.86 -5.16
CA GLN A 212 -14.38 11.52 -4.84
C GLN A 212 -14.08 11.33 -3.37
N SER A 213 -14.20 10.09 -2.94
CA SER A 213 -13.91 9.71 -1.56
C SER A 213 -13.16 8.40 -1.49
N LEU A 214 -12.37 8.29 -0.41
CA LEU A 214 -11.72 7.03 -0.04
C LEU A 214 -11.48 7.00 1.44
N LYS A 215 -11.33 5.81 2.00
CA LYS A 215 -11.10 5.70 3.42
C LYS A 215 -9.95 4.70 3.61
N LEU A 216 -9.07 5.02 4.54
CA LEU A 216 -7.96 4.13 4.84
C LEU A 216 -8.33 3.08 5.91
N THR A 217 -7.44 2.10 6.06
CA THR A 217 -7.64 1.03 7.06
C THR A 217 -7.69 1.54 8.51
N ASN A 218 -7.10 2.71 8.78
CA ASN A 218 -7.08 3.28 10.14
C ASN A 218 -8.28 4.23 10.43
N GLY A 219 -9.22 4.30 9.48
CA GLY A 219 -10.43 5.12 9.64
C GLY A 219 -10.37 6.53 9.07
N ILE A 220 -9.20 6.93 8.56
CA ILE A 220 -9.04 8.27 7.97
C ILE A 220 -9.81 8.40 6.63
N TRP A 221 -10.64 9.46 6.50
CA TRP A 221 -11.37 9.75 5.25
C TRP A 221 -10.61 10.81 4.46
N ILE A 222 -10.47 10.61 3.14
CA ILE A 222 -9.88 11.64 2.29
C ILE A 222 -10.93 11.97 1.22
N LEU A 223 -11.16 13.26 1.03
CA LEU A 223 -12.15 13.70 0.04
C LEU A 223 -11.38 14.45 -1.01
N ALA A 224 -11.84 14.33 -2.26
CA ALA A 224 -11.20 14.94 -3.39
C ALA A 224 -12.15 15.69 -4.33
N GLU A 225 -11.63 16.78 -4.89
CA GLU A 225 -12.20 17.36 -6.09
C GLU A 225 -11.13 17.32 -7.18
N LEU A 226 -11.46 16.67 -8.27
CA LEU A 226 -10.58 16.62 -9.43
C LEU A 226 -11.19 17.41 -10.59
N ARG A 227 -10.42 18.35 -11.11
CA ARG A 227 -10.87 19.21 -12.18
C ARG A 227 -10.10 18.89 -13.44
N ILE A 228 -10.83 18.55 -14.50
CA ILE A 228 -10.28 18.22 -15.81
C ILE A 228 -10.74 19.30 -16.80
N GLN A 229 -9.77 20.05 -17.31
CA GLN A 229 -10.04 21.25 -18.12
C GLN A 229 -9.70 21.06 -19.61
N PRO A 230 -10.44 21.74 -20.52
CA PRO A 230 -10.22 21.63 -21.99
C PRO A 230 -8.76 21.71 -22.45
N GLY A 231 -8.34 20.71 -23.23
CA GLY A 231 -6.99 20.64 -23.81
C GLY A 231 -5.86 21.01 -22.85
N ASN A 232 -6.12 20.87 -21.54
CA ASN A 232 -5.15 21.20 -20.51
C ASN A 232 -4.58 19.90 -19.96
N PRO A 233 -3.24 19.76 -19.97
CA PRO A 233 -2.67 18.44 -19.73
C PRO A 233 -2.44 18.21 -18.24
N ASN A 234 -2.80 19.21 -17.43
CA ASN A 234 -2.64 19.13 -16.00
C ASN A 234 -4.00 19.11 -15.33
N TYR A 235 -4.30 18.04 -14.62
CA TYR A 235 -5.53 18.02 -13.81
C TYR A 235 -5.22 18.65 -12.48
N THR A 236 -6.19 19.36 -11.89
CA THR A 236 -6.02 19.93 -10.55
C THR A 236 -6.76 19.06 -9.53
N LEU A 237 -6.02 18.54 -8.57
CA LEU A 237 -6.55 17.64 -7.55
C LEU A 237 -6.56 18.38 -6.22
N SER A 238 -7.75 18.57 -5.64
CA SER A 238 -7.84 19.28 -4.36
C SER A 238 -8.22 18.25 -3.32
N LEU A 239 -7.40 18.10 -2.27
CA LEU A 239 -7.63 17.09 -1.23
C LEU A 239 -7.93 17.73 0.10
N LYS A 240 -8.92 17.18 0.79
CA LYS A 240 -9.24 17.60 2.15
C LYS A 240 -9.25 16.35 3.04
N CYS A 241 -8.49 16.44 4.12
CA CYS A 241 -8.30 15.37 5.06
C CYS A 241 -8.00 16.02 6.41
N ARG A 242 -8.60 15.46 7.47
CA ARG A 242 -8.29 15.86 8.85
C ARG A 242 -6.85 15.56 9.29
N ALA A 243 -6.19 14.63 8.59
CA ALA A 243 -4.75 14.39 8.73
C ALA A 243 -4.03 14.78 7.43
N PRO A 244 -3.85 16.08 7.19
CA PRO A 244 -3.31 16.58 5.91
C PRO A 244 -1.91 16.08 5.49
N GLU A 245 -1.15 15.54 6.44
CA GLU A 245 0.16 14.92 6.14
C GLU A 245 0.01 13.72 5.18
N VAL A 246 -1.17 13.12 5.17
CA VAL A 246 -1.42 11.98 4.29
C VAL A 246 -1.69 12.37 2.83
N SER A 247 -2.14 13.60 2.64
CA SER A 247 -2.62 14.05 1.33
C SER A 247 -1.58 13.90 0.18
N GLN A 248 -0.34 14.30 0.46
CA GLN A 248 0.83 14.15 -0.45
C GLN A 248 0.98 12.68 -0.93
N TYR A 249 0.78 11.75 0.00
CA TYR A 249 0.83 10.32 -0.30
C TYR A 249 -0.33 9.87 -1.22
N ILE A 250 -1.50 10.46 -0.99
CA ILE A 250 -2.67 10.16 -1.82
C ILE A 250 -2.47 10.72 -3.24
N TYR A 251 -1.99 11.94 -3.35
CA TYR A 251 -1.61 12.48 -4.68
C TYR A 251 -0.65 11.51 -5.42
N GLN A 252 0.39 11.03 -4.73
CA GLN A 252 1.34 10.01 -5.26
CA GLN A 252 1.30 10.12 -5.42
C GLN A 252 0.59 8.86 -5.88
N VAL A 253 -0.36 8.34 -5.10
CA VAL A 253 -1.18 7.21 -5.53
C VAL A 253 -2.01 7.51 -6.78
N TYR A 254 -2.67 8.67 -6.82
CA TYR A 254 -3.51 9.02 -7.98
C TYR A 254 -2.62 9.05 -9.20
N ASP A 255 -1.45 9.66 -9.04
CA ASP A 255 -0.51 9.82 -10.14
C ASP A 255 -0.08 8.44 -10.68
N SER A 256 0.27 7.50 -9.78
CA SER A 256 0.67 6.12 -10.17
C SER A 256 -0.45 5.37 -10.85
N ILE A 257 -1.64 5.38 -10.26
CA ILE A 257 -2.81 4.79 -10.89
C ILE A 257 -3.10 5.30 -12.33
N LEU A 258 -3.16 6.62 -12.49
CA LEU A 258 -3.52 7.24 -13.75
C LEU A 258 -2.41 7.11 -14.80
N LYS A 259 -1.17 6.89 -14.37
CA LYS A 259 -0.02 6.72 -15.30
C LYS A 259 0.17 5.26 -15.70
N ASN A 260 -0.65 4.37 -15.14
CA ASN A 260 -0.50 2.93 -15.39
C ASN A 260 -1.76 2.23 -15.83
N TYR B 1 18.62 -2.58 10.71
CA TYR B 1 18.35 -3.19 12.05
C TYR B 1 17.28 -2.42 12.78
N PHE B 2 16.39 -3.15 13.45
CA PHE B 2 15.53 -2.54 14.45
C PHE B 2 15.39 -3.58 15.54
N PRO B 3 15.12 -3.16 16.74
CA PRO B 3 14.98 -4.10 17.85
C PRO B 3 13.78 -5.00 17.71
N THR B 4 13.96 -6.30 17.82
CA THR B 4 12.92 -7.28 17.66
C THR B 4 12.64 -7.86 19.04
N ASP B 5 11.39 -8.16 19.37
CA ASP B 5 11.06 -8.89 20.60
C ASP B 5 10.65 -10.29 20.20
N GLU B 6 11.01 -11.25 21.04
CA GLU B 6 10.88 -12.67 20.74
C GLU B 6 9.43 -13.03 20.48
N ARG B 7 8.54 -12.44 21.27
CA ARG B 7 7.12 -12.76 21.16
C ARG B 7 6.46 -12.19 19.93
N SER B 8 7.09 -11.21 19.28
CA SER B 8 6.51 -10.68 18.06
C SER B 8 6.88 -11.48 16.81
N TRP B 9 7.80 -12.44 16.92
CA TRP B 9 8.16 -13.30 15.79
C TRP B 9 7.01 -14.18 15.43
N VAL B 10 6.77 -14.36 14.14
CA VAL B 10 5.74 -15.26 13.68
C VAL B 10 6.47 -16.42 13.04
N TYR B 11 6.57 -17.53 13.78
CA TYR B 11 7.35 -18.67 13.33
C TYR B 11 6.55 -19.58 12.39
N SER B 12 7.23 -20.11 11.37
CA SER B 12 6.57 -21.07 10.48
C SER B 12 6.59 -22.48 11.14
N PRO B 13 5.46 -23.21 11.02
CA PRO B 13 5.49 -24.62 11.45
C PRO B 13 6.38 -25.47 10.52
N LEU B 14 6.94 -26.56 11.05
CA LEU B 14 7.74 -27.46 10.24
C LEU B 14 7.00 -28.76 10.02
N HIS B 15 6.92 -29.16 8.76
CA HIS B 15 6.30 -30.44 8.41
C HIS B 15 7.44 -31.36 8.00
#